data_8TE9
#
_entry.id   8TE9
#
_cell.length_a   72.2
_cell.length_b   83.21
_cell.length_c   91.91
_cell.angle_alpha   90
_cell.angle_beta   90
_cell.angle_gamma   90
#
_symmetry.space_group_name_H-M   'P 21 21 21'
#
loop_
_entity.id
_entity.type
_entity.pdbx_description
1 polymer 'Isethionate-binding periplasmic protein DctP'
2 non-polymer '2-hydroxyethylsulfonic acid'
3 non-polymer 'NITRATE ION'
4 non-polymer 1,2-ETHANEDIOL
5 water water
#
_entity_poly.entity_id   1
_entity_poly.type   'polypeptide(L)'
_entity_poly.pdbx_seq_one_letter_code
;MKHLLKAGALVALACIVTLTAGAQAHAAKRINIRLAHPMAPGNNVTVGYEKFKELVAEKSNGRVRIQLFGNCMLGSDRVT
MEAAQRGTLEMASSSSPNMANFSKQWMVFDLPYITSPEHQQKLYKAIDDGELGKKLDEIAASIGLKPIMYSEYGYRNFVT
TKKPIKTADDLKNLKVRTTDSPIEVAVAAALGMAPTPISWGETYTALQQGTVDGEGNTFSLLNDAKHTEVLKYAIDSAHN
YSMHLLMMNKAYYDSLPANVQQILTEAGREALTYQRSITSELEKKAEDAFIEQGITVTRLSPEERAKLVERTRPVWDKFK
DDIPAELIKLVQETQQ
;
_entity_poly.pdbx_strand_id   A,B
#
# COMPACT_ATOMS: atom_id res chain seq x y z
N LYS A 29 0.36 -23.99 0.77
CA LYS A 29 1.20 -22.89 0.22
C LYS A 29 1.05 -21.69 1.16
N ARG A 30 1.46 -20.51 0.67
CA ARG A 30 1.03 -19.24 1.22
C ARG A 30 -0.16 -18.79 0.38
N ILE A 31 -1.04 -17.97 0.98
CA ILE A 31 -2.18 -17.39 0.26
C ILE A 31 -2.04 -15.89 0.45
N ASN A 32 -2.04 -15.11 -0.62
CA ASN A 32 -2.06 -13.65 -0.53
CA ASN A 32 -2.04 -13.67 -0.61
C ASN A 32 -3.41 -13.13 -1.00
N ILE A 33 -4.02 -12.28 -0.16
CA ILE A 33 -5.37 -11.78 -0.41
C ILE A 33 -5.30 -10.25 -0.45
N ARG A 34 -5.68 -9.66 -1.55
CA ARG A 34 -5.62 -8.22 -1.68
C ARG A 34 -6.93 -7.60 -1.21
N LEU A 35 -6.80 -6.50 -0.49
CA LEU A 35 -7.94 -5.82 0.12
C LEU A 35 -7.80 -4.32 -0.16
N ALA A 36 -8.66 -3.73 -0.95
CA ALA A 36 -8.57 -2.32 -1.30
C ALA A 36 -9.70 -1.53 -0.65
N HIS A 37 -9.37 -0.29 -0.29
CA HIS A 37 -10.35 0.59 0.31
C HIS A 37 -9.96 2.05 0.17
N PRO A 38 -10.88 2.97 0.41
CA PRO A 38 -10.66 4.37 0.13
C PRO A 38 -10.21 5.18 1.33
N MET A 39 -10.10 4.61 2.53
CA MET A 39 -10.06 5.40 3.73
C MET A 39 -8.63 5.78 4.09
N ALA A 40 -8.50 6.92 4.77
CA ALA A 40 -7.25 7.62 5.00
C ALA A 40 -6.41 7.01 6.11
N PRO A 41 -5.09 7.27 6.10
CA PRO A 41 -4.25 6.77 7.18
C PRO A 41 -4.75 7.20 8.56
N GLY A 42 -4.73 6.28 9.50
CA GLY A 42 -5.11 6.57 10.87
C GLY A 42 -6.62 6.60 11.14
N ASN A 43 -7.43 6.44 10.10
CA ASN A 43 -8.89 6.47 10.18
C ASN A 43 -9.39 5.19 10.84
N ASN A 44 -10.54 5.29 11.53
CA ASN A 44 -11.11 4.15 12.20
C ASN A 44 -11.30 2.92 11.31
N VAL A 45 -11.73 3.14 10.08
CA VAL A 45 -11.95 2.04 9.15
C VAL A 45 -10.59 1.46 8.78
N THR A 46 -9.66 2.33 8.42
CA THR A 46 -8.32 1.91 8.04
C THR A 46 -7.67 1.05 9.10
N VAL A 47 -7.74 1.53 10.34
CA VAL A 47 -7.12 0.84 11.47
C VAL A 47 -7.79 -0.51 11.70
N GLY A 48 -9.11 -0.57 11.55
CA GLY A 48 -9.80 -1.84 11.63
C GLY A 48 -9.22 -2.89 10.65
N TYR A 49 -8.92 -2.47 9.42
CA TYR A 49 -8.37 -3.39 8.43
C TYR A 49 -6.92 -3.74 8.68
N GLU A 50 -6.17 -2.83 9.30
CA GLU A 50 -4.84 -3.20 9.80
C GLU A 50 -4.94 -4.27 10.88
N LYS A 51 -5.94 -4.18 11.76
N LYS A 51 -5.93 -4.15 11.76
CA LYS A 51 -6.12 -5.20 12.78
CA LYS A 51 -6.17 -5.16 12.77
C LYS A 51 -6.58 -6.53 12.17
C LYS A 51 -6.53 -6.49 12.14
N PHE A 52 -7.46 -6.44 11.16
CA PHE A 52 -7.87 -7.63 10.43
C PHE A 52 -6.65 -8.34 9.83
N LYS A 53 -5.79 -7.58 9.17
CA LYS A 53 -4.58 -8.12 8.58
CA LYS A 53 -4.59 -8.15 8.58
C LYS A 53 -3.73 -8.85 9.62
N GLU A 54 -3.54 -8.21 10.77
CA GLU A 54 -2.72 -8.78 11.83
C GLU A 54 -3.34 -10.09 12.32
N LEU A 55 -4.64 -10.08 12.60
CA LEU A 55 -5.32 -11.26 13.10
C LEU A 55 -5.32 -12.42 12.13
N VAL A 56 -5.47 -12.15 10.83
CA VAL A 56 -5.41 -13.20 9.86
C VAL A 56 -4.03 -13.84 9.88
N ALA A 57 -2.98 -13.02 9.94
CA ALA A 57 -1.61 -13.55 9.98
C ALA A 57 -1.39 -14.39 11.23
N GLU A 58 -1.87 -13.95 12.37
CA GLU A 58 -1.68 -14.66 13.64
C GLU A 58 -2.39 -16.01 13.59
N LYS A 59 -3.67 -16.00 13.16
CA LYS A 59 -4.50 -17.19 13.21
C LYS A 59 -4.01 -18.22 12.20
N SER A 60 -3.38 -17.79 11.12
CA SER A 60 -2.92 -18.68 10.09
C SER A 60 -1.44 -19.04 10.29
N ASN A 61 -0.81 -18.53 11.35
CA ASN A 61 0.65 -18.68 11.53
C ASN A 61 1.43 -18.25 10.29
N GLY A 62 1.01 -17.13 9.68
CA GLY A 62 1.71 -16.54 8.55
C GLY A 62 1.35 -17.16 7.22
N ARG A 63 0.48 -18.17 7.18
CA ARG A 63 0.14 -18.87 5.94
C ARG A 63 -0.76 -17.99 5.05
N VAL A 64 -1.59 -17.13 5.63
CA VAL A 64 -2.52 -16.27 4.90
C VAL A 64 -2.13 -14.83 5.15
N ARG A 65 -1.90 -14.07 4.10
CA ARG A 65 -1.46 -12.69 4.23
C ARG A 65 -2.49 -11.79 3.56
N ILE A 66 -2.97 -10.79 4.29
CA ILE A 66 -3.79 -9.73 3.73
C ILE A 66 -2.87 -8.59 3.27
N GLN A 67 -2.96 -8.18 2.01
CA GLN A 67 -2.22 -7.03 1.52
C GLN A 67 -3.21 -5.89 1.40
N LEU A 68 -2.91 -4.78 2.09
CA LEU A 68 -3.81 -3.67 2.19
C LEU A 68 -3.49 -2.59 1.17
N PHE A 69 -4.50 -2.19 0.40
CA PHE A 69 -4.44 -1.13 -0.58
C PHE A 69 -5.45 -0.06 -0.16
N GLY A 70 -5.11 0.65 0.93
CA GLY A 70 -6.00 1.68 1.48
C GLY A 70 -5.80 3.01 0.80
N ASN A 71 -6.54 4.00 1.31
CA ASN A 71 -6.35 5.39 0.91
C ASN A 71 -6.44 5.58 -0.60
N CYS A 72 -7.35 4.88 -1.27
CA CYS A 72 -7.62 5.00 -2.69
C CYS A 72 -6.40 4.61 -3.53
N MET A 73 -5.54 3.74 -2.99
CA MET A 73 -4.40 3.18 -3.73
CA MET A 73 -4.40 3.26 -3.77
C MET A 73 -4.80 2.62 -5.09
N LEU A 74 -5.93 1.95 -5.14
CA LEU A 74 -6.41 1.33 -6.39
C LEU A 74 -7.71 2.01 -6.85
N GLY A 75 -8.01 3.19 -6.36
CA GLY A 75 -9.22 3.90 -6.72
C GLY A 75 -10.20 4.04 -5.56
N SER A 76 -11.29 4.76 -5.82
CA SER A 76 -12.32 5.01 -4.82
C SER A 76 -13.29 3.84 -4.74
N ASP A 77 -14.32 4.03 -3.91
CA ASP A 77 -15.16 2.92 -3.46
C ASP A 77 -15.70 2.07 -4.61
N ARG A 78 -16.33 2.75 -5.59
CA ARG A 78 -17.04 2.00 -6.63
C ARG A 78 -16.10 1.14 -7.45
N VAL A 79 -14.99 1.74 -7.90
CA VAL A 79 -14.16 1.01 -8.83
C VAL A 79 -13.52 -0.20 -8.14
N THR A 80 -13.14 -0.09 -6.86
CA THR A 80 -12.54 -1.22 -6.19
C THR A 80 -13.59 -2.28 -5.80
N MET A 81 -14.80 -1.86 -5.46
CA MET A 81 -15.79 -2.89 -5.16
C MET A 81 -16.23 -3.60 -6.42
N GLU A 82 -16.23 -2.90 -7.57
CA GLU A 82 -16.50 -3.56 -8.84
C GLU A 82 -15.43 -4.57 -9.13
N ALA A 83 -14.17 -4.28 -8.82
CA ALA A 83 -13.09 -5.21 -8.98
C ALA A 83 -13.30 -6.41 -8.08
N ALA A 84 -13.68 -6.22 -6.81
CA ALA A 84 -13.95 -7.35 -5.94
C ALA A 84 -15.10 -8.17 -6.47
N GLN A 85 -16.15 -7.56 -6.95
CA GLN A 85 -17.28 -8.30 -7.50
C GLN A 85 -16.86 -9.11 -8.72
N ARG A 86 -15.99 -8.59 -9.56
CA ARG A 86 -15.56 -9.29 -10.76
C ARG A 86 -14.51 -10.33 -10.42
N GLY A 87 -13.80 -10.20 -9.30
CA GLY A 87 -12.76 -11.15 -8.94
C GLY A 87 -11.36 -10.70 -9.33
N THR A 88 -11.18 -9.45 -9.81
CA THR A 88 -9.87 -8.95 -10.11
C THR A 88 -9.16 -8.46 -8.83
N LEU A 89 -9.91 -8.31 -7.72
CA LEU A 89 -9.41 -8.21 -6.37
C LEU A 89 -10.13 -9.26 -5.55
N GLU A 90 -9.50 -9.72 -4.48
CA GLU A 90 -10.17 -10.62 -3.57
C GLU A 90 -11.15 -9.90 -2.64
N MET A 91 -10.76 -8.71 -2.19
CA MET A 91 -11.56 -8.01 -1.18
C MET A 91 -11.54 -6.52 -1.44
N ALA A 92 -12.63 -5.86 -1.06
CA ALA A 92 -12.71 -4.41 -1.09
C ALA A 92 -13.67 -3.95 0.00
N SER A 93 -13.53 -2.71 0.43
CA SER A 93 -14.47 -2.08 1.35
C SER A 93 -15.07 -0.84 0.72
N SER A 94 -16.39 -0.72 0.74
CA SER A 94 -17.10 0.45 0.27
C SER A 94 -17.94 1.02 1.40
N SER A 95 -18.06 2.34 1.43
CA SER A 95 -19.04 2.90 2.34
C SER A 95 -20.42 2.36 1.96
N SER A 96 -21.32 2.29 2.94
CA SER A 96 -22.66 1.83 2.65
C SER A 96 -23.38 2.74 1.65
N PRO A 97 -23.26 4.07 1.66
CA PRO A 97 -23.93 4.86 0.62
C PRO A 97 -23.43 4.49 -0.76
N ASN A 98 -22.10 4.32 -0.93
CA ASN A 98 -21.59 3.99 -2.25
C ASN A 98 -21.98 2.57 -2.67
N MET A 99 -22.40 1.72 -1.75
CA MET A 99 -22.83 0.38 -2.09
C MET A 99 -24.14 0.40 -2.86
N ALA A 100 -24.86 1.50 -2.89
CA ALA A 100 -26.07 1.59 -3.70
C ALA A 100 -25.75 1.32 -5.16
N ASN A 101 -24.51 1.53 -5.61
CA ASN A 101 -24.15 1.16 -6.97
C ASN A 101 -24.38 -0.31 -7.25
N PHE A 102 -24.37 -1.17 -6.24
CA PHE A 102 -24.41 -2.60 -6.40
C PHE A 102 -25.75 -3.18 -5.99
N SER A 103 -26.42 -2.65 -4.96
CA SER A 103 -27.80 -3.05 -4.63
C SER A 103 -28.47 -1.86 -3.97
N LYS A 104 -29.70 -1.61 -4.38
CA LYS A 104 -30.57 -0.60 -3.80
CA LYS A 104 -30.41 -0.52 -3.74
C LYS A 104 -30.88 -0.88 -2.32
N GLN A 105 -30.83 -2.17 -1.92
CA GLN A 105 -31.30 -2.48 -0.57
C GLN A 105 -30.43 -1.87 0.51
N TRP A 106 -29.13 -1.65 0.23
CA TRP A 106 -28.25 -1.00 1.19
C TRP A 106 -28.70 0.38 1.59
N MET A 107 -29.56 0.99 0.76
CA MET A 107 -30.02 2.34 0.99
C MET A 107 -30.86 2.43 2.26
N VAL A 108 -31.32 1.34 2.81
CA VAL A 108 -31.99 1.43 4.08
C VAL A 108 -31.18 2.24 5.08
N PHE A 109 -29.85 2.06 5.07
CA PHE A 109 -29.03 2.75 6.06
C PHE A 109 -28.85 4.21 5.74
N ASP A 110 -29.13 4.64 4.50
CA ASP A 110 -28.98 6.04 4.15
C ASP A 110 -30.22 6.84 4.45
N LEU A 111 -31.34 6.21 4.72
CA LEU A 111 -32.58 6.96 4.94
C LEU A 111 -32.28 8.00 6.00
N PRO A 112 -32.64 9.29 5.81
CA PRO A 112 -32.17 10.33 6.72
C PRO A 112 -32.85 10.18 8.07
N TYR A 113 -32.04 10.09 9.10
CA TYR A 113 -32.48 9.98 10.46
C TYR A 113 -33.23 8.68 10.73
N ILE A 114 -32.98 7.62 9.99
CA ILE A 114 -33.48 6.30 10.38
C ILE A 114 -32.84 5.86 11.69
N THR A 115 -31.58 6.21 11.88
CA THR A 115 -30.92 5.94 13.17
C THR A 115 -30.34 7.22 13.73
N SER A 116 -29.96 7.13 15.00
CA SER A 116 -29.24 8.20 15.65
C SER A 116 -28.24 7.59 16.64
N PRO A 117 -27.17 8.32 16.98
CA PRO A 117 -26.09 7.80 17.82
C PRO A 117 -26.58 7.19 19.14
N GLU A 118 -27.71 7.65 19.65
N GLU A 118 -27.71 7.63 19.68
CA GLU A 118 -28.17 7.22 20.98
CA GLU A 118 -28.07 7.19 21.02
C GLU A 118 -28.51 5.74 21.05
C GLU A 118 -28.66 5.78 21.05
N HIS A 119 -28.72 5.09 19.90
CA HIS A 119 -29.16 3.71 19.88
C HIS A 119 -28.11 2.76 19.28
N GLN A 120 -26.84 3.17 19.24
CA GLN A 120 -25.88 2.45 18.43
C GLN A 120 -25.65 1.02 18.86
N GLN A 121 -25.56 0.74 20.17
CA GLN A 121 -25.29 -0.64 20.58
C GLN A 121 -26.39 -1.58 20.13
N LYS A 122 -27.65 -1.15 20.20
CA LYS A 122 -28.73 -2.03 19.77
C LYS A 122 -28.67 -2.28 18.27
N LEU A 123 -28.24 -1.30 17.49
CA LEU A 123 -28.02 -1.51 16.06
C LEU A 123 -26.90 -2.55 15.84
N TYR A 124 -25.79 -2.42 16.57
CA TYR A 124 -24.72 -3.39 16.46
C TYR A 124 -25.23 -4.79 16.78
N LYS A 125 -26.02 -4.90 17.84
CA LYS A 125 -26.51 -6.21 18.27
C LYS A 125 -27.36 -6.87 17.19
N ALA A 126 -28.24 -6.11 16.58
CA ALA A 126 -29.07 -6.63 15.51
C ALA A 126 -28.27 -7.11 14.31
N ILE A 127 -27.22 -6.38 13.93
CA ILE A 127 -26.36 -6.78 12.85
C ILE A 127 -25.51 -7.98 13.25
N ASP A 128 -24.95 -7.99 14.45
CA ASP A 128 -23.98 -9.00 14.83
C ASP A 128 -24.65 -10.35 15.06
N ASP A 129 -25.81 -10.31 15.74
CA ASP A 129 -26.37 -11.55 16.30
C ASP A 129 -27.76 -11.82 15.78
N GLY A 130 -28.41 -10.88 15.11
CA GLY A 130 -29.83 -10.96 14.85
C GLY A 130 -30.22 -11.03 13.39
N GLU A 131 -31.54 -10.92 13.19
CA GLU A 131 -32.16 -11.06 11.90
C GLU A 131 -31.66 -10.01 10.91
N LEU A 132 -31.46 -8.76 11.38
CA LEU A 132 -30.97 -7.70 10.48
C LEU A 132 -29.67 -8.16 9.82
N GLY A 133 -28.72 -8.66 10.62
CA GLY A 133 -27.47 -9.09 10.01
C GLY A 133 -27.65 -10.19 8.97
N LYS A 134 -28.54 -11.15 9.24
CA LYS A 134 -28.82 -12.17 8.26
C LYS A 134 -29.33 -11.61 6.94
N LYS A 135 -30.23 -10.61 7.03
CA LYS A 135 -30.74 -9.99 5.82
C LYS A 135 -29.61 -9.30 5.06
N LEU A 136 -28.73 -8.58 5.76
CA LEU A 136 -27.61 -7.91 5.08
C LEU A 136 -26.75 -8.93 4.37
N ASP A 137 -26.49 -10.05 5.05
CA ASP A 137 -25.70 -11.10 4.47
C ASP A 137 -26.32 -11.66 3.18
N GLU A 138 -27.66 -11.76 3.18
CA GLU A 138 -28.34 -12.23 1.99
C GLU A 138 -28.24 -11.20 0.86
N ILE A 139 -28.35 -9.90 1.17
CA ILE A 139 -28.17 -8.90 0.12
C ILE A 139 -26.80 -9.09 -0.53
N ALA A 140 -25.77 -9.24 0.28
CA ALA A 140 -24.41 -9.41 -0.23
C ALA A 140 -24.29 -10.65 -1.11
N ALA A 141 -24.85 -11.76 -0.64
CA ALA A 141 -24.83 -13.00 -1.42
C ALA A 141 -25.52 -12.82 -2.76
N SER A 142 -26.59 -12.03 -2.80
CA SER A 142 -27.35 -11.86 -4.02
C SER A 142 -26.56 -11.11 -5.07
N ILE A 143 -25.47 -10.41 -4.69
CA ILE A 143 -24.64 -9.64 -5.60
C ILE A 143 -23.22 -10.22 -5.63
N GLY A 144 -23.05 -11.47 -5.22
CA GLY A 144 -21.77 -12.12 -5.47
C GLY A 144 -20.66 -11.72 -4.49
N LEU A 145 -21.03 -11.39 -3.27
CA LEU A 145 -20.05 -10.93 -2.28
C LEU A 145 -20.28 -11.63 -0.96
N LYS A 146 -19.21 -11.88 -0.22
CA LYS A 146 -19.25 -12.43 1.13
C LYS A 146 -18.88 -11.33 2.11
N PRO A 147 -19.77 -10.92 3.03
CA PRO A 147 -19.38 -9.92 4.02
C PRO A 147 -18.42 -10.49 5.03
N ILE A 148 -17.37 -9.72 5.30
CA ILE A 148 -16.38 -10.09 6.31
C ILE A 148 -16.41 -9.14 7.51
N MET A 149 -16.63 -7.84 7.29
CA MET A 149 -16.80 -6.88 8.40
C MET A 149 -17.80 -5.82 8.01
N TYR A 150 -18.76 -5.58 8.89
CA TYR A 150 -19.63 -4.43 8.80
C TYR A 150 -19.04 -3.30 9.63
N SER A 151 -17.97 -2.72 9.15
CA SER A 151 -17.18 -1.77 9.92
C SER A 151 -18.00 -0.54 10.29
N GLU A 152 -17.79 -0.04 11.52
CA GLU A 152 -18.33 1.25 11.85
C GLU A 152 -17.62 2.32 11.03
N TYR A 153 -18.37 3.27 10.53
CA TYR A 153 -17.82 4.45 9.87
C TYR A 153 -18.31 5.64 10.67
N GLY A 154 -19.57 5.99 10.58
CA GLY A 154 -20.14 6.94 11.54
C GLY A 154 -21.24 7.78 10.89
N TYR A 155 -21.61 8.82 11.61
CA TYR A 155 -22.64 9.74 11.22
C TYR A 155 -22.05 10.94 10.49
N ARG A 156 -22.63 11.34 9.35
CA ARG A 156 -22.13 12.47 8.59
C ARG A 156 -22.68 13.79 9.13
N ASN A 157 -21.82 14.79 9.09
CA ASN A 157 -22.12 16.16 9.46
C ASN A 157 -21.81 17.05 8.29
N PHE A 158 -22.71 18.01 8.01
CA PHE A 158 -22.46 19.01 6.97
C PHE A 158 -21.35 20.00 7.36
N VAL A 159 -20.49 20.25 6.38
CA VAL A 159 -19.37 21.18 6.53
C VAL A 159 -19.30 22.01 5.26
N THR A 160 -18.76 23.26 5.43
CA THR A 160 -18.61 24.19 4.31
C THR A 160 -17.21 24.81 4.31
N THR A 161 -16.82 25.25 3.12
CA THR A 161 -15.56 25.94 2.93
C THR A 161 -15.67 27.44 3.25
N LYS A 162 -16.79 28.08 2.94
CA LYS A 162 -16.90 29.54 3.03
C LYS A 162 -18.18 29.98 3.72
N LYS A 163 -19.32 29.31 3.47
CA LYS A 163 -20.60 29.82 3.93
C LYS A 163 -20.86 29.45 5.38
N PRO A 164 -21.15 30.42 6.28
CA PRO A 164 -21.54 30.11 7.64
C PRO A 164 -22.80 29.26 7.60
N ILE A 165 -22.78 28.14 8.33
CA ILE A 165 -23.97 27.31 8.44
C ILE A 165 -24.24 27.06 9.90
N LYS A 166 -25.45 27.39 10.34
CA LYS A 166 -25.85 27.19 11.71
C LYS A 166 -27.22 26.52 11.83
N THR A 167 -28.00 26.57 10.75
CA THR A 167 -29.36 26.07 10.78
CA THR A 167 -29.39 26.13 10.76
C THR A 167 -29.68 25.42 9.45
N ALA A 168 -30.82 24.73 9.40
CA ALA A 168 -31.22 24.08 8.17
C ALA A 168 -31.29 25.07 7.02
N ASP A 169 -31.90 26.26 7.23
CA ASP A 169 -32.09 27.16 6.10
C ASP A 169 -30.78 27.67 5.51
N ASP A 170 -29.71 27.70 6.33
CA ASP A 170 -28.41 28.10 5.83
C ASP A 170 -27.85 27.13 4.80
N LEU A 171 -28.36 25.88 4.74
CA LEU A 171 -27.88 24.92 3.76
C LEU A 171 -28.37 25.23 2.36
N LYS A 172 -29.46 26.02 2.24
CA LYS A 172 -30.05 26.23 0.94
CA LYS A 172 -30.04 26.24 0.94
C LYS A 172 -29.02 26.89 0.02
N ASN A 173 -29.03 26.46 -1.24
CA ASN A 173 -28.23 27.07 -2.29
C ASN A 173 -26.81 26.52 -2.32
N LEU A 174 -26.39 25.79 -1.29
CA LEU A 174 -25.03 25.23 -1.28
C LEU A 174 -24.89 24.21 -2.38
N LYS A 175 -23.75 24.20 -3.09
CA LYS A 175 -23.37 23.12 -3.95
CA LYS A 175 -23.34 23.12 -3.97
C LYS A 175 -22.59 22.12 -3.11
N VAL A 176 -23.10 20.90 -3.01
CA VAL A 176 -22.59 19.97 -2.01
C VAL A 176 -22.19 18.66 -2.66
N ARG A 177 -21.00 18.17 -2.30
CA ARG A 177 -20.57 16.87 -2.74
C ARG A 177 -21.45 15.81 -2.08
N THR A 178 -21.80 14.78 -2.82
CA THR A 178 -22.47 13.59 -2.31
C THR A 178 -21.65 12.38 -2.67
N THR A 179 -21.94 11.29 -1.94
CA THR A 179 -21.67 9.96 -2.40
C THR A 179 -22.57 9.60 -3.58
N ASP A 180 -22.47 8.35 -4.00
CA ASP A 180 -23.29 7.88 -5.12
C ASP A 180 -24.68 7.46 -4.66
N SER A 181 -25.00 7.51 -3.39
CA SER A 181 -26.31 7.07 -2.93
C SER A 181 -27.41 7.96 -3.50
N PRO A 182 -28.42 7.35 -4.16
CA PRO A 182 -29.60 8.11 -4.54
C PRO A 182 -30.26 8.85 -3.39
N ILE A 183 -30.15 8.28 -2.17
CA ILE A 183 -30.79 8.90 -1.04
CA ILE A 183 -30.73 8.84 -0.97
C ILE A 183 -30.03 10.15 -0.63
N GLU A 184 -28.68 10.09 -0.68
CA GLU A 184 -27.92 11.29 -0.37
C GLU A 184 -28.24 12.42 -1.36
N VAL A 185 -28.36 12.06 -2.65
CA VAL A 185 -28.74 13.06 -3.65
C VAL A 185 -30.10 13.67 -3.32
N ALA A 186 -31.06 12.82 -2.95
CA ALA A 186 -32.39 13.29 -2.64
C ALA A 186 -32.40 14.13 -1.38
N VAL A 187 -31.66 13.75 -0.33
CA VAL A 187 -31.54 14.51 0.88
C VAL A 187 -31.05 15.92 0.58
N ALA A 188 -29.97 15.98 -0.21
CA ALA A 188 -29.42 17.29 -0.54
C ALA A 188 -30.50 18.14 -1.22
N ALA A 189 -31.15 17.59 -2.25
CA ALA A 189 -32.19 18.34 -2.99
C ALA A 189 -33.32 18.77 -2.04
N ALA A 190 -33.73 17.92 -1.07
CA ALA A 190 -34.81 18.26 -0.17
C ALA A 190 -34.42 19.41 0.73
N LEU A 191 -33.12 19.53 1.05
CA LEU A 191 -32.56 20.61 1.85
C LEU A 191 -32.33 21.89 1.02
N GLY A 192 -32.59 21.83 -0.27
CA GLY A 192 -32.39 23.00 -1.13
C GLY A 192 -30.96 23.17 -1.64
N MET A 193 -30.15 22.12 -1.47
CA MET A 193 -28.78 22.13 -1.96
CA MET A 193 -28.78 22.13 -1.95
C MET A 193 -28.73 21.56 -3.36
N ALA A 194 -27.58 21.72 -4.01
CA ALA A 194 -27.34 21.21 -5.33
C ALA A 194 -26.35 20.06 -5.21
N PRO A 195 -26.83 18.79 -5.20
CA PRO A 195 -25.90 17.66 -5.04
C PRO A 195 -25.11 17.34 -6.27
N THR A 196 -23.91 16.95 -5.92
N THR A 196 -23.74 17.18 -6.27
CA THR A 196 -22.87 16.84 -6.86
CA THR A 196 -22.96 16.53 -7.34
C THR A 196 -22.16 15.46 -6.57
C THR A 196 -22.23 15.43 -6.62
N PRO A 197 -22.48 14.24 -7.10
CA PRO A 197 -21.75 13.03 -6.71
C PRO A 197 -20.31 13.10 -7.23
N ILE A 198 -19.33 13.01 -6.32
CA ILE A 198 -17.89 13.01 -6.65
C ILE A 198 -17.26 11.86 -5.92
N SER A 199 -16.38 11.11 -6.59
CA SER A 199 -15.67 10.05 -5.89
C SER A 199 -14.87 10.61 -4.73
N TRP A 200 -14.66 9.79 -3.71
CA TRP A 200 -13.99 10.24 -2.53
C TRP A 200 -12.59 10.75 -2.86
N GLY A 201 -11.87 10.04 -3.70
CA GLY A 201 -10.49 10.40 -3.98
C GLY A 201 -10.40 11.73 -4.70
N GLU A 202 -11.47 12.19 -5.38
CA GLU A 202 -11.45 13.44 -6.11
C GLU A 202 -12.16 14.56 -5.37
N THR A 203 -12.67 14.32 -4.15
CA THR A 203 -13.48 15.33 -3.49
C THR A 203 -12.65 16.52 -2.99
N TYR A 204 -11.45 16.27 -2.44
CA TYR A 204 -10.63 17.40 -2.00
C TYR A 204 -10.38 18.39 -3.14
N THR A 205 -10.05 17.90 -4.31
CA THR A 205 -9.76 18.79 -5.42
C THR A 205 -10.98 19.62 -5.77
N ALA A 206 -12.17 19.02 -5.72
CA ALA A 206 -13.37 19.76 -6.03
C ALA A 206 -13.61 20.89 -5.03
N LEU A 207 -13.39 20.62 -3.74
CA LEU A 207 -13.50 21.62 -2.71
C LEU A 207 -12.46 22.71 -2.92
N GLN A 208 -11.22 22.33 -3.16
CA GLN A 208 -10.14 23.31 -3.29
C GLN A 208 -10.45 24.23 -4.48
N GLN A 209 -10.94 23.70 -5.58
CA GLN A 209 -11.19 24.40 -6.83
C GLN A 209 -12.49 25.20 -6.77
N GLY A 210 -13.31 25.03 -5.72
CA GLY A 210 -14.59 25.69 -5.59
C GLY A 210 -15.70 25.09 -6.46
N THR A 211 -15.52 23.87 -6.99
CA THR A 211 -16.53 23.15 -7.75
C THR A 211 -17.74 22.86 -6.85
N VAL A 212 -17.45 22.59 -5.57
CA VAL A 212 -18.45 22.42 -4.52
C VAL A 212 -18.12 23.32 -3.33
N ASP A 213 -19.15 23.66 -2.56
CA ASP A 213 -19.14 24.61 -1.45
C ASP A 213 -18.97 23.91 -0.10
N GLY A 214 -19.23 22.59 -0.12
CA GLY A 214 -19.27 21.80 1.10
C GLY A 214 -19.54 20.32 0.81
N GLU A 215 -19.70 19.59 1.92
CA GLU A 215 -19.84 18.14 1.87
C GLU A 215 -20.42 17.70 3.21
N GLY A 216 -20.66 16.41 3.35
CA GLY A 216 -21.10 15.84 4.62
C GLY A 216 -20.29 14.59 4.91
N ASN A 217 -19.69 14.50 6.11
CA ASN A 217 -18.86 13.34 6.40
C ASN A 217 -18.59 13.32 7.90
N THR A 218 -17.89 12.28 8.35
CA THR A 218 -17.44 12.23 9.73
C THR A 218 -16.31 13.24 9.89
N PHE A 219 -16.25 13.85 11.07
CA PHE A 219 -15.13 14.75 11.30
C PHE A 219 -13.77 14.03 11.25
N SER A 220 -13.76 12.77 11.67
CA SER A 220 -12.53 12.02 11.61
C SER A 220 -12.04 11.80 10.19
N LEU A 221 -12.89 11.32 9.26
CA LEU A 221 -12.42 11.15 7.92
C LEU A 221 -11.97 12.51 7.35
N LEU A 222 -12.75 13.54 7.57
CA LEU A 222 -12.39 14.87 7.06
C LEU A 222 -11.01 15.30 7.55
N ASN A 223 -10.70 15.06 8.80
CA ASN A 223 -9.40 15.45 9.31
C ASN A 223 -8.31 14.51 8.81
N ASP A 224 -8.57 13.21 8.79
CA ASP A 224 -7.55 12.24 8.40
C ASP A 224 -7.18 12.44 6.93
N ALA A 225 -8.15 12.84 6.09
CA ALA A 225 -7.93 13.08 4.68
C ALA A 225 -7.50 14.52 4.41
N LYS A 226 -7.36 15.30 5.47
N LYS A 226 -7.36 15.34 5.45
CA LYS A 226 -6.85 16.65 5.37
CA LYS A 226 -6.78 16.68 5.34
C LYS A 226 -7.75 17.49 4.46
C LYS A 226 -7.77 17.70 4.80
N HIS A 227 -9.06 17.35 4.70
CA HIS A 227 -10.05 18.33 4.21
C HIS A 227 -10.15 19.53 5.13
N THR A 228 -9.69 19.36 6.37
N THR A 228 -9.76 19.34 6.41
CA THR A 228 -9.82 20.40 7.37
CA THR A 228 -9.74 20.41 7.39
C THR A 228 -9.03 21.66 6.99
C THR A 228 -9.19 21.69 6.79
N GLU A 229 -8.11 21.57 6.01
CA GLU A 229 -7.38 22.75 5.53
CA GLU A 229 -7.37 22.73 5.52
C GLU A 229 -8.31 23.72 4.82
N VAL A 230 -9.34 23.22 4.14
CA VAL A 230 -10.21 24.05 3.31
C VAL A 230 -11.57 24.32 3.96
N LEU A 231 -11.86 23.72 5.11
CA LEU A 231 -13.18 23.88 5.71
C LEU A 231 -13.19 25.01 6.72
N LYS A 232 -14.36 25.63 6.97
CA LYS A 232 -14.50 26.72 7.91
C LYS A 232 -15.68 26.57 8.87
N TYR A 233 -16.72 25.80 8.49
CA TYR A 233 -17.92 25.68 9.29
C TYR A 233 -18.45 24.25 9.28
N ALA A 234 -19.09 23.87 10.37
CA ALA A 234 -19.70 22.55 10.47
C ALA A 234 -20.97 22.63 11.31
N ILE A 235 -21.94 21.71 11.09
CA ILE A 235 -23.08 21.53 11.99
C ILE A 235 -23.16 20.04 12.32
N ASP A 236 -23.63 19.69 13.52
CA ASP A 236 -23.75 18.28 13.93
C ASP A 236 -25.02 17.60 13.43
N SER A 237 -25.23 17.69 12.13
CA SER A 237 -26.48 17.26 11.54
C SER A 237 -26.75 15.75 11.70
N ALA A 238 -25.73 14.89 11.59
CA ALA A 238 -25.94 13.45 11.73
C ALA A 238 -27.03 12.97 10.79
N HIS A 239 -27.02 13.49 9.56
CA HIS A 239 -28.11 13.31 8.60
C HIS A 239 -27.99 12.06 7.75
N ASN A 240 -26.88 11.34 7.89
CA ASN A 240 -26.63 10.07 7.21
C ASN A 240 -25.81 9.23 8.17
N TYR A 241 -26.16 7.95 8.23
CA TYR A 241 -25.37 6.96 8.94
C TYR A 241 -24.71 6.05 7.92
N SER A 242 -23.40 5.84 8.06
CA SER A 242 -22.65 4.96 7.18
C SER A 242 -21.89 3.90 7.96
N MET A 243 -21.81 2.71 7.34
CA MET A 243 -20.82 1.69 7.63
C MET A 243 -19.78 1.66 6.51
N HIS A 244 -18.73 0.87 6.73
CA HIS A 244 -17.79 0.53 5.65
C HIS A 244 -17.84 -0.99 5.50
N LEU A 245 -18.35 -1.43 4.34
CA LEU A 245 -18.69 -2.83 4.15
C LEU A 245 -17.52 -3.55 3.52
N LEU A 246 -16.80 -4.36 4.29
CA LEU A 246 -15.69 -5.15 3.80
C LEU A 246 -16.24 -6.47 3.25
N MET A 247 -16.04 -6.64 1.94
CA MET A 247 -16.58 -7.74 1.17
C MET A 247 -15.47 -8.52 0.51
N MET A 248 -15.65 -9.84 0.46
CA MET A 248 -14.78 -10.69 -0.34
C MET A 248 -15.55 -11.15 -1.56
N ASN A 249 -14.89 -11.28 -2.72
CA ASN A 249 -15.45 -11.95 -3.89
C ASN A 249 -16.02 -13.29 -3.46
N LYS A 250 -17.31 -13.57 -3.72
CA LYS A 250 -17.89 -14.80 -3.17
CA LYS A 250 -17.97 -14.80 -3.27
C LYS A 250 -17.27 -16.06 -3.79
N ALA A 251 -16.96 -16.04 -5.08
CA ALA A 251 -16.32 -17.20 -5.67
C ALA A 251 -14.98 -17.46 -4.97
N TYR A 252 -14.18 -16.40 -4.77
CA TYR A 252 -12.89 -16.59 -4.12
C TYR A 252 -13.09 -17.16 -2.72
N TYR A 253 -14.04 -16.62 -1.97
CA TYR A 253 -14.30 -17.13 -0.64
C TYR A 253 -14.67 -18.63 -0.71
N ASP A 254 -15.61 -18.96 -1.62
CA ASP A 254 -16.06 -20.35 -1.72
C ASP A 254 -14.95 -21.29 -2.20
N SER A 255 -13.90 -20.78 -2.84
CA SER A 255 -12.75 -21.57 -3.26
C SER A 255 -11.81 -21.92 -2.11
N LEU A 256 -11.88 -21.20 -0.99
CA LEU A 256 -10.90 -21.36 0.06
C LEU A 256 -11.24 -22.60 0.88
N PRO A 257 -10.20 -23.24 1.45
CA PRO A 257 -10.44 -24.30 2.41
C PRO A 257 -11.24 -23.77 3.58
N ALA A 258 -12.05 -24.62 4.18
CA ALA A 258 -12.91 -24.23 5.28
C ALA A 258 -12.13 -23.62 6.43
N ASN A 259 -10.95 -24.10 6.74
CA ASN A 259 -10.20 -23.54 7.86
C ASN A 259 -9.79 -22.09 7.58
N VAL A 260 -9.52 -21.79 6.32
CA VAL A 260 -9.17 -20.42 5.97
C VAL A 260 -10.41 -19.53 5.93
N GLN A 261 -11.53 -20.03 5.43
CA GLN A 261 -12.78 -19.31 5.52
C GLN A 261 -13.07 -18.90 6.96
N GLN A 262 -12.90 -19.82 7.91
CA GLN A 262 -13.16 -19.54 9.31
C GLN A 262 -12.17 -18.57 9.93
N ILE A 263 -10.90 -18.66 9.57
CA ILE A 263 -9.95 -17.65 9.97
C ILE A 263 -10.44 -16.27 9.54
N LEU A 264 -10.88 -16.11 8.30
CA LEU A 264 -11.22 -14.79 7.80
C LEU A 264 -12.43 -14.27 8.56
N THR A 265 -13.44 -15.11 8.77
CA THR A 265 -14.65 -14.62 9.40
C THR A 265 -14.42 -14.34 10.89
N GLU A 266 -13.62 -15.16 11.56
CA GLU A 266 -13.30 -14.95 12.96
CA GLU A 266 -13.30 -14.95 12.96
C GLU A 266 -12.45 -13.70 13.10
N ALA A 267 -11.46 -13.52 12.24
CA ALA A 267 -10.65 -12.32 12.28
C ALA A 267 -11.51 -11.09 12.06
N GLY A 268 -12.47 -11.16 11.14
CA GLY A 268 -13.37 -10.05 10.91
C GLY A 268 -14.17 -9.67 12.14
N ARG A 269 -14.71 -10.67 12.84
CA ARG A 269 -15.49 -10.42 14.03
C ARG A 269 -14.66 -9.77 15.11
N GLU A 270 -13.44 -10.27 15.32
CA GLU A 270 -12.58 -9.74 16.35
C GLU A 270 -12.07 -8.36 15.99
N ALA A 271 -11.75 -8.15 14.71
CA ALA A 271 -11.28 -6.85 14.27
C ALA A 271 -12.40 -5.82 14.42
N LEU A 272 -13.64 -6.23 14.15
CA LEU A 272 -14.80 -5.34 14.27
C LEU A 272 -15.00 -4.89 15.73
N THR A 273 -14.86 -5.80 16.69
CA THR A 273 -14.98 -5.40 18.07
C THR A 273 -13.95 -4.34 18.40
N TYR A 274 -12.70 -4.56 17.92
CA TYR A 274 -11.63 -3.62 18.17
C TYR A 274 -11.93 -2.26 17.52
N GLN A 275 -12.31 -2.28 16.24
CA GLN A 275 -12.49 -1.08 15.45
C GLN A 275 -13.63 -0.22 15.99
N ARG A 276 -14.69 -0.84 16.42
CA ARG A 276 -15.76 -0.07 17.06
C ARG A 276 -15.24 0.58 18.35
N SER A 277 -14.38 -0.11 19.08
CA SER A 277 -13.93 0.38 20.38
C SER A 277 -13.08 1.62 20.23
N ILE A 278 -12.35 1.84 19.11
CA ILE A 278 -11.48 2.99 18.91
C ILE A 278 -12.17 4.10 18.16
N THR A 279 -13.35 3.86 17.59
CA THR A 279 -13.97 4.81 16.68
C THR A 279 -14.21 6.16 17.38
N SER A 280 -14.85 6.16 18.55
CA SER A 280 -15.29 7.41 19.16
C SER A 280 -14.11 8.11 19.82
N GLU A 281 -13.08 7.40 20.24
CA GLU A 281 -11.83 8.03 20.66
C GLU A 281 -11.25 8.84 19.51
N LEU A 282 -11.23 8.28 18.29
CA LEU A 282 -10.68 8.94 17.12
C LEU A 282 -11.56 10.10 16.69
N GLU A 283 -12.88 9.97 16.82
CA GLU A 283 -13.80 11.03 16.51
C GLU A 283 -13.63 12.24 17.42
N LYS A 284 -13.37 11.95 18.68
CA LYS A 284 -13.10 13.00 19.69
C LYS A 284 -11.84 13.77 19.32
N LYS A 285 -10.76 13.05 18.97
CA LYS A 285 -9.53 13.68 18.50
C LYS A 285 -9.79 14.58 17.30
N ALA A 286 -10.61 14.14 16.34
CA ALA A 286 -10.89 14.92 15.15
C ALA A 286 -11.68 16.18 15.48
N GLU A 287 -12.66 16.07 16.36
CA GLU A 287 -13.46 17.23 16.72
C GLU A 287 -12.54 18.25 17.39
N ASP A 288 -11.62 17.78 18.23
CA ASP A 288 -10.64 18.66 18.88
C ASP A 288 -9.75 19.35 17.83
N ALA A 289 -9.34 18.61 16.79
CA ALA A 289 -8.54 19.14 15.71
C ALA A 289 -9.30 20.20 14.94
N PHE A 290 -10.60 19.99 14.68
CA PHE A 290 -11.43 20.98 14.02
C PHE A 290 -11.37 22.31 14.79
N ILE A 291 -11.56 22.21 16.10
CA ILE A 291 -11.54 23.32 17.05
CA ILE A 291 -11.63 23.43 16.87
C ILE A 291 -10.23 24.07 16.90
N GLU A 292 -9.15 23.28 17.00
CA GLU A 292 -7.80 23.82 17.03
C GLU A 292 -7.51 24.59 15.75
N GLN A 293 -8.04 24.15 14.61
CA GLN A 293 -7.81 24.77 13.32
C GLN A 293 -8.85 25.83 12.97
N GLY A 294 -9.72 26.15 13.93
CA GLY A 294 -10.57 27.33 13.79
C GLY A 294 -11.89 27.07 13.07
N ILE A 295 -12.27 25.80 12.93
CA ILE A 295 -13.56 25.50 12.32
C ILE A 295 -14.65 25.72 13.36
N THR A 296 -15.70 26.45 12.97
CA THR A 296 -16.82 26.70 13.87
C THR A 296 -17.75 25.50 13.77
N VAL A 297 -17.96 24.83 14.89
CA VAL A 297 -18.87 23.70 14.96
C VAL A 297 -20.14 24.09 15.72
N THR A 298 -21.27 24.17 15.03
CA THR A 298 -22.53 24.56 15.62
C THR A 298 -23.30 23.34 16.03
N ARG A 299 -23.72 23.28 17.28
CA ARG A 299 -24.56 22.24 17.83
C ARG A 299 -26.01 22.67 17.69
N LEU A 300 -26.77 21.85 16.96
CA LEU A 300 -28.14 22.16 16.66
C LEU A 300 -28.98 21.97 17.92
N SER A 301 -29.93 22.87 18.11
CA SER A 301 -30.90 22.67 19.17
C SER A 301 -31.87 21.55 18.82
N PRO A 302 -32.62 20.97 19.79
CA PRO A 302 -33.62 19.98 19.47
C PRO A 302 -34.62 20.40 18.40
N GLU A 303 -35.02 21.67 18.47
N GLU A 303 -35.06 21.66 18.39
CA GLU A 303 -35.98 22.25 17.55
CA GLU A 303 -36.03 22.13 17.40
C GLU A 303 -35.41 22.24 16.14
C GLU A 303 -35.41 22.28 16.02
N GLU A 304 -34.14 22.69 16.00
CA GLU A 304 -33.48 22.86 14.71
C GLU A 304 -33.20 21.48 14.12
N ARG A 305 -32.85 20.51 14.96
CA ARG A 305 -32.67 19.14 14.48
C ARG A 305 -34.00 18.61 13.98
N ALA A 306 -35.11 18.80 14.75
CA ALA A 306 -36.40 18.31 14.32
C ALA A 306 -36.85 18.86 12.96
N LYS A 307 -36.51 20.11 12.69
CA LYS A 307 -36.75 20.68 11.36
C LYS A 307 -36.03 19.90 10.27
N LEU A 308 -34.74 19.58 10.50
CA LEU A 308 -33.98 18.78 9.56
C LEU A 308 -34.56 17.41 9.36
N VAL A 309 -34.95 16.77 10.46
CA VAL A 309 -35.54 15.45 10.37
C VAL A 309 -36.76 15.51 9.46
N GLU A 310 -37.68 16.49 9.72
CA GLU A 310 -38.89 16.54 8.93
C GLU A 310 -38.64 17.02 7.52
N ARG A 311 -37.69 17.91 7.29
CA ARG A 311 -37.45 18.39 5.95
C ARG A 311 -36.94 17.27 5.05
N THR A 312 -36.22 16.31 5.66
CA THR A 312 -35.66 15.18 4.94
C THR A 312 -36.57 13.97 4.91
N ARG A 313 -37.59 13.93 5.80
CA ARG A 313 -38.46 12.77 5.87
C ARG A 313 -39.18 12.46 4.56
N PRO A 314 -39.57 13.43 3.71
CA PRO A 314 -40.20 13.07 2.44
C PRO A 314 -39.37 12.18 1.54
N VAL A 315 -38.04 12.16 1.72
CA VAL A 315 -37.19 11.29 0.94
C VAL A 315 -37.60 9.84 1.15
N TRP A 316 -38.03 9.45 2.36
CA TRP A 316 -38.30 8.04 2.58
C TRP A 316 -39.36 7.48 1.61
N ASP A 317 -40.41 8.24 1.39
CA ASP A 317 -41.48 7.77 0.53
C ASP A 317 -41.04 7.66 -0.93
N LYS A 318 -40.06 8.46 -1.35
CA LYS A 318 -39.55 8.40 -2.69
C LYS A 318 -38.81 7.10 -2.97
N PHE A 319 -38.44 6.31 -1.95
CA PHE A 319 -37.68 5.09 -2.17
C PHE A 319 -38.40 3.85 -1.65
N LYS A 320 -39.72 4.01 -1.45
CA LYS A 320 -40.47 2.90 -0.87
C LYS A 320 -40.47 1.67 -1.78
N ASP A 321 -40.31 1.83 -3.10
CA ASP A 321 -40.32 0.69 -3.99
C ASP A 321 -38.93 0.05 -4.12
N ASP A 322 -37.87 0.72 -3.64
CA ASP A 322 -36.52 0.21 -3.81
C ASP A 322 -35.92 -0.42 -2.55
N ILE A 323 -36.53 -0.15 -1.40
CA ILE A 323 -36.02 -0.67 -0.15
C ILE A 323 -37.10 -1.52 0.50
N PRO A 324 -36.86 -2.80 0.79
CA PRO A 324 -37.90 -3.65 1.35
C PRO A 324 -38.43 -3.08 2.66
N ALA A 325 -39.75 -3.08 2.82
CA ALA A 325 -40.35 -2.60 4.04
C ALA A 325 -39.86 -3.38 5.26
N GLU A 326 -39.67 -4.69 5.11
CA GLU A 326 -39.27 -5.52 6.24
C GLU A 326 -37.89 -5.08 6.73
N LEU A 327 -37.04 -4.68 5.80
CA LEU A 327 -35.69 -4.25 6.17
C LEU A 327 -35.73 -2.90 6.88
N ILE A 328 -36.55 -1.95 6.41
CA ILE A 328 -36.76 -0.71 7.13
C ILE A 328 -37.20 -1.00 8.55
N LYS A 329 -38.15 -1.94 8.74
CA LYS A 329 -38.66 -2.21 10.05
C LYS A 329 -37.59 -2.80 10.96
N LEU A 330 -36.76 -3.71 10.43
CA LEU A 330 -35.71 -4.26 11.29
C LEU A 330 -34.74 -3.18 11.74
N VAL A 331 -34.42 -2.20 10.88
CA VAL A 331 -33.54 -1.12 11.31
C VAL A 331 -34.26 -0.23 12.33
N GLN A 332 -35.50 0.16 12.06
CA GLN A 332 -36.24 0.99 12.99
C GLN A 332 -36.40 0.35 14.37
N GLU A 333 -36.54 -0.98 14.39
CA GLU A 333 -36.70 -1.70 15.66
C GLU A 333 -35.51 -1.51 16.57
N THR A 334 -34.32 -1.24 16.01
CA THR A 334 -33.11 -1.04 16.80
C THR A 334 -33.13 0.30 17.51
N GLN A 335 -34.03 1.21 17.12
CA GLN A 335 -34.06 2.57 17.60
C GLN A 335 -35.15 2.79 18.65
N GLN A 336 -35.91 1.73 18.91
N GLN A 336 -35.57 1.72 19.33
CA GLN A 336 -36.94 1.74 19.94
CA GLN A 336 -36.65 1.77 20.30
C GLN A 336 -36.28 1.58 21.33
C GLN A 336 -36.26 0.93 21.52
N ALA B 28 -2.65 24.74 -3.30
CA ALA B 28 -1.76 23.89 -4.12
C ALA B 28 -2.35 22.48 -4.20
N LYS B 29 -2.17 21.85 -5.37
CA LYS B 29 -2.75 20.55 -5.65
C LYS B 29 -1.99 19.50 -4.84
N ARG B 30 -2.75 18.70 -4.10
CA ARG B 30 -2.17 17.52 -3.50
CA ARG B 30 -2.33 17.45 -3.48
C ARG B 30 -1.86 16.50 -4.57
N ILE B 31 -0.88 15.64 -4.26
CA ILE B 31 -0.28 14.76 -5.26
C ILE B 31 -0.11 13.40 -4.62
N ASN B 32 -0.66 12.36 -5.25
CA ASN B 32 -0.46 10.99 -4.80
C ASN B 32 0.47 10.31 -5.82
N ILE B 33 1.52 9.66 -5.30
CA ILE B 33 2.59 9.06 -6.08
C ILE B 33 2.69 7.60 -5.70
N ARG B 34 2.47 6.71 -6.65
CA ARG B 34 2.51 5.27 -6.35
C ARG B 34 3.94 4.74 -6.55
N LEU B 35 4.38 3.93 -5.59
CA LEU B 35 5.74 3.40 -5.58
C LEU B 35 5.64 1.90 -5.32
N ALA B 36 6.04 1.11 -6.31
CA ALA B 36 5.94 -0.35 -6.20
C ALA B 36 7.30 -1.00 -6.08
N HIS B 37 7.42 -2.08 -5.30
CA HIS B 37 8.68 -2.76 -5.17
C HIS B 37 8.43 -4.17 -4.66
N PRO B 38 9.44 -5.05 -4.77
CA PRO B 38 9.31 -6.48 -4.45
C PRO B 38 9.76 -6.86 -3.06
N MET B 39 10.29 -5.95 -2.22
CA MET B 39 11.01 -6.35 -1.02
C MET B 39 10.11 -6.56 0.19
N ALA B 40 10.57 -7.41 1.13
CA ALA B 40 9.73 -7.96 2.18
C ALA B 40 9.67 -7.02 3.37
N PRO B 41 8.63 -7.13 4.23
CA PRO B 41 8.55 -6.31 5.43
C PRO B 41 9.81 -6.43 6.28
N GLY B 42 10.26 -5.30 6.83
CA GLY B 42 11.37 -5.27 7.75
C GLY B 42 12.74 -5.25 7.06
N ASN B 43 12.77 -5.39 5.73
CA ASN B 43 14.03 -5.39 4.98
C ASN B 43 14.64 -3.99 4.89
N ASN B 44 15.96 -3.91 4.76
CA ASN B 44 16.60 -2.64 4.63
C ASN B 44 16.03 -1.79 3.51
N VAL B 45 15.77 -2.39 2.35
CA VAL B 45 15.25 -1.65 1.23
C VAL B 45 13.83 -1.15 1.54
N THR B 46 12.99 -2.07 2.04
CA THR B 46 11.62 -1.75 2.44
C THR B 46 11.54 -0.59 3.41
N VAL B 47 12.34 -0.69 4.46
CA VAL B 47 12.34 0.32 5.51
C VAL B 47 12.83 1.67 4.97
N GLY B 48 13.76 1.63 4.02
CA GLY B 48 14.16 2.88 3.38
C GLY B 48 13.02 3.55 2.67
N TYR B 49 12.14 2.75 2.01
CA TYR B 49 11.03 3.38 1.29
C TYR B 49 9.90 3.81 2.22
N GLU B 50 9.77 3.17 3.39
CA GLU B 50 8.90 3.65 4.47
CA GLU B 50 8.86 3.69 4.42
C GLU B 50 9.42 4.99 4.98
N LYS B 51 10.74 5.12 5.16
CA LYS B 51 11.32 6.39 5.58
C LYS B 51 11.13 7.46 4.51
N PHE B 52 11.31 7.11 3.23
CA PHE B 52 11.08 8.02 2.12
C PHE B 52 9.66 8.58 2.18
N LYS B 53 8.68 7.70 2.34
CA LYS B 53 7.28 8.07 2.45
CA LYS B 53 7.31 8.16 2.39
C LYS B 53 7.12 9.11 3.57
N GLU B 54 7.67 8.79 4.73
CA GLU B 54 7.51 9.65 5.91
C GLU B 54 8.13 11.02 5.67
N LEU B 55 9.29 11.07 5.01
CA LEU B 55 9.99 12.32 4.80
C LEU B 55 9.30 13.17 3.75
N VAL B 56 8.77 12.55 2.69
CA VAL B 56 8.02 13.26 1.70
C VAL B 56 6.80 13.91 2.35
N ALA B 57 6.11 13.16 3.20
CA ALA B 57 4.98 13.70 3.94
C ALA B 57 5.39 14.90 4.81
N GLU B 58 6.47 14.77 5.54
CA GLU B 58 6.89 15.83 6.46
CA GLU B 58 6.87 15.85 6.45
C GLU B 58 7.20 17.11 5.68
N LYS B 59 7.99 16.99 4.60
CA LYS B 59 8.47 18.15 3.87
C LYS B 59 7.33 18.85 3.13
N SER B 60 6.30 18.09 2.74
CA SER B 60 5.18 18.62 2.00
C SER B 60 3.98 18.95 2.87
N ASN B 61 4.11 18.88 4.21
CA ASN B 61 3.00 19.06 5.13
CA ASN B 61 2.98 19.10 5.08
C ASN B 61 1.81 18.18 4.72
N GLY B 62 2.11 16.96 4.26
CA GLY B 62 1.10 15.97 3.96
C GLY B 62 0.46 16.11 2.60
N ARG B 63 0.86 17.07 1.79
CA ARG B 63 0.26 17.27 0.49
C ARG B 63 0.74 16.25 -0.55
N VAL B 64 1.96 15.73 -0.40
CA VAL B 64 2.50 14.75 -1.33
C VAL B 64 2.56 13.41 -0.60
N ARG B 65 1.77 12.46 -1.10
CA ARG B 65 1.58 11.16 -0.48
C ARG B 65 2.24 10.07 -1.33
N ILE B 66 3.27 9.43 -0.76
CA ILE B 66 3.86 8.26 -1.39
C ILE B 66 3.01 7.07 -0.97
N GLN B 67 2.45 6.35 -1.93
CA GLN B 67 1.67 5.18 -1.66
C GLN B 67 2.52 3.98 -1.97
N LEU B 68 2.82 3.19 -0.97
CA LEU B 68 3.75 2.09 -1.08
C LEU B 68 3.06 0.77 -1.42
N PHE B 69 3.54 0.14 -2.49
CA PHE B 69 3.09 -1.18 -2.92
C PHE B 69 4.29 -2.11 -2.87
N GLY B 70 4.72 -2.41 -1.64
CA GLY B 70 5.90 -3.23 -1.43
C GLY B 70 5.56 -4.72 -1.48
N ASN B 71 6.57 -5.55 -1.26
CA ASN B 71 6.37 -6.98 -1.10
C ASN B 71 5.59 -7.56 -2.27
N CYS B 72 5.87 -7.14 -3.48
CA CYS B 72 5.29 -7.66 -4.69
C CYS B 72 3.78 -7.45 -4.75
N MET B 73 3.26 -6.42 -4.10
CA MET B 73 1.82 -6.11 -4.15
C MET B 73 1.34 -5.92 -5.58
N LEU B 74 2.19 -5.39 -6.47
CA LEU B 74 1.85 -5.18 -7.86
C LEU B 74 2.71 -6.07 -8.77
N GLY B 75 3.38 -7.06 -8.24
CA GLY B 75 4.26 -7.89 -9.05
C GLY B 75 5.72 -7.74 -8.65
N SER B 76 6.58 -8.55 -9.29
CA SER B 76 8.01 -8.55 -9.08
C SER B 76 8.68 -7.42 -9.89
N ASP B 77 9.99 -7.40 -9.86
CA ASP B 77 10.78 -6.24 -10.25
C ASP B 77 10.43 -5.82 -11.66
N ARG B 78 10.40 -6.75 -12.61
CA ARG B 78 10.29 -6.44 -14.02
CA ARG B 78 10.34 -6.35 -14.01
C ARG B 78 8.98 -5.71 -14.33
N VAL B 79 7.89 -6.32 -13.90
CA VAL B 79 6.60 -5.80 -14.32
CA VAL B 79 6.56 -5.84 -14.23
C VAL B 79 6.40 -4.39 -13.73
N THR B 80 6.81 -4.13 -12.49
CA THR B 80 6.61 -2.81 -11.92
C THR B 80 7.54 -1.78 -12.54
N MET B 81 8.76 -2.16 -12.89
CA MET B 81 9.66 -1.18 -13.50
C MET B 81 9.19 -0.92 -14.95
N GLU B 82 8.64 -1.92 -15.63
CA GLU B 82 8.08 -1.66 -16.96
C GLU B 82 6.98 -0.63 -16.85
N ALA B 83 6.15 -0.77 -15.83
CA ALA B 83 5.06 0.17 -15.61
C ALA B 83 5.59 1.58 -15.33
N ALA B 84 6.61 1.71 -14.47
CA ALA B 84 7.18 3.02 -14.23
C ALA B 84 7.73 3.60 -15.53
N GLN B 85 8.42 2.78 -16.34
CA GLN B 85 8.99 3.28 -17.57
C GLN B 85 7.91 3.75 -18.51
N ARG B 86 6.81 3.04 -18.60
CA ARG B 86 5.78 3.46 -19.54
CA ARG B 86 5.68 3.34 -19.47
C ARG B 86 4.88 4.53 -18.95
N GLY B 87 4.89 4.74 -17.65
CA GLY B 87 4.12 5.80 -17.00
C GLY B 87 2.82 5.34 -16.37
N THR B 88 2.51 4.06 -16.32
CA THR B 88 1.35 3.54 -15.65
C THR B 88 1.54 3.42 -14.14
N LEU B 89 2.79 3.55 -13.65
CA LEU B 89 3.09 3.83 -12.26
C LEU B 89 4.01 5.03 -12.26
N GLU B 90 4.02 5.81 -11.17
CA GLU B 90 4.93 6.93 -11.09
C GLU B 90 6.33 6.44 -10.71
N MET B 91 6.43 5.44 -9.80
CA MET B 91 7.72 5.02 -9.29
C MET B 91 7.72 3.52 -9.08
N ALA B 92 8.93 2.96 -9.22
CA ALA B 92 9.16 1.55 -8.93
C ALA B 92 10.62 1.37 -8.50
N SER B 93 10.90 0.30 -7.77
CA SER B 93 12.27 -0.04 -7.42
C SER B 93 12.57 -1.46 -7.92
N SER B 94 13.70 -1.59 -8.60
CA SER B 94 14.17 -2.85 -9.11
C SER B 94 15.57 -3.13 -8.57
N SER B 95 15.89 -4.37 -8.26
CA SER B 95 17.26 -4.68 -7.93
C SER B 95 18.15 -4.37 -9.13
N SER B 96 19.41 -4.02 -8.88
CA SER B 96 20.29 -3.71 -10.00
C SER B 96 20.47 -4.89 -10.96
N PRO B 97 20.57 -6.15 -10.52
CA PRO B 97 20.65 -7.21 -11.52
C PRO B 97 19.42 -7.29 -12.42
N ASN B 98 18.24 -7.12 -11.86
CA ASN B 98 17.02 -7.15 -12.66
C ASN B 98 16.89 -5.91 -13.54
N MET B 99 17.67 -4.88 -13.31
CA MET B 99 17.66 -3.67 -14.15
C MET B 99 18.37 -3.89 -15.47
N ALA B 100 19.13 -4.98 -15.63
CA ALA B 100 19.79 -5.31 -16.88
C ALA B 100 18.78 -5.45 -18.01
N ASN B 101 17.56 -5.81 -17.74
CA ASN B 101 16.40 -5.89 -18.65
CA ASN B 101 16.69 -5.92 -18.86
C ASN B 101 16.32 -4.55 -19.39
N PHE B 102 16.49 -3.46 -18.65
CA PHE B 102 16.18 -2.10 -19.13
C PHE B 102 17.41 -1.44 -19.73
N SER B 103 18.59 -1.64 -19.12
CA SER B 103 19.83 -1.25 -19.77
C SER B 103 20.93 -2.19 -19.31
N LYS B 104 21.69 -2.67 -20.26
CA LYS B 104 22.79 -3.58 -19.93
C LYS B 104 23.95 -2.84 -19.24
N GLN B 105 23.97 -1.50 -19.24
CA GLN B 105 25.06 -0.81 -18.56
C GLN B 105 24.99 -1.00 -17.06
N TRP B 106 23.83 -1.30 -16.48
CA TRP B 106 23.72 -1.52 -15.06
C TRP B 106 24.51 -2.77 -14.65
N MET B 107 24.81 -3.64 -15.60
CA MET B 107 25.51 -4.88 -15.31
C MET B 107 26.91 -4.65 -14.80
N VAL B 108 27.46 -3.45 -14.88
CA VAL B 108 28.76 -3.20 -14.24
C VAL B 108 28.71 -3.65 -12.78
N PHE B 109 27.57 -3.46 -12.10
CA PHE B 109 27.51 -3.77 -10.69
C PHE B 109 27.39 -5.28 -10.46
N ASP B 110 27.03 -6.05 -11.47
CA ASP B 110 26.95 -7.51 -11.32
C ASP B 110 28.29 -8.17 -11.58
N LEU B 111 29.29 -7.49 -12.10
CA LEU B 111 30.56 -8.15 -12.39
C LEU B 111 31.05 -8.78 -11.08
N PRO B 112 31.42 -10.09 -11.11
CA PRO B 112 31.68 -10.77 -9.84
C PRO B 112 32.93 -10.21 -9.20
N TYR B 113 32.78 -9.78 -7.95
CA TYR B 113 33.86 -9.25 -7.14
C TYR B 113 34.42 -7.95 -7.70
N ILE B 114 33.64 -7.19 -8.45
CA ILE B 114 34.07 -5.86 -8.79
C ILE B 114 34.16 -5.01 -7.54
N THR B 115 33.29 -5.24 -6.55
CA THR B 115 33.35 -4.54 -5.29
C THR B 115 33.46 -5.51 -4.16
N SER B 116 33.87 -5.00 -3.01
CA SER B 116 33.84 -5.77 -1.76
C SER B 116 33.43 -4.86 -0.63
N PRO B 117 32.86 -5.42 0.46
CA PRO B 117 32.29 -4.60 1.50
C PRO B 117 33.23 -3.62 2.16
N GLU B 118 34.53 -3.91 2.19
CA GLU B 118 35.39 -3.02 2.94
C GLU B 118 35.52 -1.65 2.30
N HIS B 119 35.15 -1.48 1.02
CA HIS B 119 35.28 -0.21 0.33
C HIS B 119 33.95 0.51 0.13
N GLN B 120 32.89 0.05 0.83
CA GLN B 120 31.54 0.50 0.57
C GLN B 120 31.36 2.00 0.72
N GLN B 121 31.99 2.63 1.72
CA GLN B 121 31.75 4.05 1.92
C GLN B 121 32.29 4.90 0.79
N LYS B 122 33.36 4.44 0.17
CA LYS B 122 33.87 5.14 -1.02
C LYS B 122 32.96 4.96 -2.24
N LEU B 123 32.35 3.78 -2.32
CA LEU B 123 31.37 3.52 -3.39
C LEU B 123 30.19 4.46 -3.20
N TYR B 124 29.70 4.60 -1.97
CA TYR B 124 28.58 5.50 -1.69
C TYR B 124 28.90 6.93 -2.09
N LYS B 125 30.10 7.44 -1.74
CA LYS B 125 30.45 8.81 -2.09
C LYS B 125 30.52 9.01 -3.61
N ALA B 126 31.08 8.04 -4.31
CA ALA B 126 31.19 8.14 -5.75
C ALA B 126 29.81 8.19 -6.41
N ILE B 127 28.86 7.37 -5.91
CA ILE B 127 27.49 7.41 -6.44
C ILE B 127 26.83 8.73 -6.06
N ASP B 128 26.98 9.16 -4.83
CA ASP B 128 26.25 10.31 -4.33
C ASP B 128 26.71 11.61 -5.02
N ASP B 129 28.04 11.76 -5.16
CA ASP B 129 28.60 13.04 -5.56
C ASP B 129 29.67 12.96 -6.60
N GLY B 130 30.04 11.79 -7.04
CA GLY B 130 31.14 11.63 -7.98
C GLY B 130 30.68 11.42 -9.41
N GLU B 131 31.69 11.23 -10.26
CA GLU B 131 31.46 10.93 -11.67
C GLU B 131 30.71 9.62 -11.87
N LEU B 132 30.90 8.66 -10.99
CA LEU B 132 30.17 7.40 -11.11
C LEU B 132 28.68 7.70 -11.03
N GLY B 133 28.24 8.43 -10.01
CA GLY B 133 26.82 8.71 -9.87
C GLY B 133 26.27 9.48 -11.09
N LYS B 134 27.06 10.44 -11.57
N LYS B 134 27.04 10.44 -11.61
CA LYS B 134 26.67 11.19 -12.75
CA LYS B 134 26.54 11.17 -12.76
C LYS B 134 26.36 10.22 -13.87
C LYS B 134 26.39 10.24 -13.97
N LYS B 135 27.27 9.27 -14.13
CA LYS B 135 27.07 8.28 -15.16
C LYS B 135 25.83 7.40 -14.91
N LEU B 136 25.60 6.98 -13.68
CA LEU B 136 24.39 6.21 -13.37
C LEU B 136 23.14 7.02 -13.67
N ASP B 137 23.17 8.30 -13.35
CA ASP B 137 22.05 9.18 -13.66
C ASP B 137 21.83 9.27 -15.16
N GLU B 138 22.90 9.30 -15.94
CA GLU B 138 22.77 9.28 -17.40
C GLU B 138 22.16 7.98 -17.88
N ILE B 139 22.59 6.83 -17.34
CA ILE B 139 21.98 5.56 -17.73
C ILE B 139 20.48 5.62 -17.48
N ALA B 140 20.07 6.06 -16.32
CA ALA B 140 18.66 6.15 -15.99
C ALA B 140 17.92 7.05 -17.01
N ALA B 141 18.47 8.23 -17.26
CA ALA B 141 17.84 9.14 -18.21
C ALA B 141 17.73 8.51 -19.58
N SER B 142 18.70 7.73 -19.98
CA SER B 142 18.72 7.08 -21.28
CA SER B 142 18.67 7.15 -21.31
C SER B 142 17.59 6.09 -21.47
N ILE B 143 16.94 5.64 -20.39
CA ILE B 143 15.85 4.69 -20.43
C ILE B 143 14.57 5.29 -19.86
N GLY B 144 14.50 6.61 -19.75
CA GLY B 144 13.25 7.25 -19.43
C GLY B 144 12.92 7.32 -17.94
N LEU B 145 13.94 7.30 -17.08
CA LEU B 145 13.74 7.23 -15.63
C LEU B 145 14.57 8.33 -14.97
N LYS B 146 14.05 8.78 -13.86
CA LYS B 146 14.73 9.69 -12.93
C LYS B 146 15.10 8.91 -11.68
N PRO B 147 16.38 8.76 -11.34
CA PRO B 147 16.75 8.06 -10.12
C PRO B 147 16.43 8.88 -8.87
N ILE B 148 15.79 8.31 -7.89
CA ILE B 148 15.47 8.97 -6.63
C ILE B 148 16.28 8.39 -5.48
N MET B 149 16.45 7.08 -5.45
CA MET B 149 17.35 6.47 -4.45
C MET B 149 18.13 5.35 -5.07
N TYR B 150 19.44 5.29 -4.89
CA TYR B 150 20.25 4.13 -5.19
C TYR B 150 20.40 3.35 -3.89
N SER B 151 19.34 2.64 -3.50
CA SER B 151 19.26 2.05 -2.19
C SER B 151 20.33 0.98 -2.04
N GLU B 152 20.89 0.89 -0.83
CA GLU B 152 21.69 -0.25 -0.48
C GLU B 152 20.80 -1.47 -0.39
N TYR B 153 21.26 -2.57 -0.90
CA TYR B 153 20.59 -3.88 -0.83
C TYR B 153 21.60 -4.79 -0.19
N GLY B 154 22.61 -5.21 -0.92
CA GLY B 154 23.78 -5.82 -0.29
C GLY B 154 24.44 -6.85 -1.16
N TYR B 155 25.33 -7.64 -0.56
CA TYR B 155 26.09 -8.67 -1.23
C TYR B 155 25.39 -10.02 -1.14
N ARG B 156 25.26 -10.68 -2.24
CA ARG B 156 24.59 -11.96 -2.26
C ARG B 156 25.53 -13.07 -1.80
N ASN B 157 24.92 -14.04 -1.13
CA ASN B 157 25.58 -15.25 -0.64
C ASN B 157 24.84 -16.47 -1.13
N PHE B 158 25.55 -17.52 -1.56
CA PHE B 158 24.91 -18.74 -1.99
C PHE B 158 24.34 -19.48 -0.77
N VAL B 159 23.14 -20.02 -0.96
CA VAL B 159 22.41 -20.84 0.00
C VAL B 159 21.77 -22.03 -0.71
N THR B 160 21.58 -23.15 0.03
CA THR B 160 20.92 -24.34 -0.49
C THR B 160 19.98 -24.88 0.56
N THR B 161 19.03 -25.67 0.04
CA THR B 161 18.02 -26.32 0.87
C THR B 161 18.50 -27.67 1.41
N LYS B 162 19.11 -28.48 0.56
CA LYS B 162 19.33 -29.89 0.92
C LYS B 162 20.77 -30.32 0.66
N LYS B 163 21.44 -29.78 -0.34
CA LYS B 163 22.77 -30.20 -0.75
C LYS B 163 23.82 -29.36 -0.02
N PRO B 164 24.75 -29.96 0.77
CA PRO B 164 25.72 -29.17 1.50
C PRO B 164 26.63 -28.33 0.64
N ILE B 165 26.78 -27.06 1.01
CA ILE B 165 27.78 -26.22 0.37
C ILE B 165 28.67 -25.60 1.44
N LYS B 166 29.97 -25.84 1.31
CA LYS B 166 30.94 -25.27 2.22
C LYS B 166 32.13 -24.68 1.45
N THR B 167 32.27 -24.99 0.17
CA THR B 167 33.41 -24.59 -0.63
CA THR B 167 33.42 -24.60 -0.63
C THR B 167 32.93 -24.17 -2.02
N ALA B 168 33.81 -23.50 -2.78
CA ALA B 168 33.51 -23.22 -4.17
C ALA B 168 33.17 -24.46 -4.97
N ASP B 169 33.97 -25.55 -4.79
CA ASP B 169 33.75 -26.75 -5.60
C ASP B 169 32.40 -27.42 -5.31
N ASP B 170 31.85 -27.20 -4.12
CA ASP B 170 30.54 -27.75 -3.80
C ASP B 170 29.42 -27.11 -4.62
N LEU B 171 29.67 -25.96 -5.25
CA LEU B 171 28.65 -25.31 -6.06
C LEU B 171 28.46 -26.02 -7.38
N LYS B 172 29.48 -26.75 -7.86
CA LYS B 172 29.37 -27.39 -9.15
C LYS B 172 28.17 -28.33 -9.21
N ASN B 173 27.48 -28.29 -10.35
CA ASN B 173 26.30 -29.10 -10.66
C ASN B 173 25.04 -28.72 -9.90
N LEU B 174 25.03 -27.66 -9.11
CA LEU B 174 23.80 -27.23 -8.47
C LEU B 174 22.94 -26.47 -9.47
N LYS B 175 21.63 -26.69 -9.39
CA LYS B 175 20.62 -25.87 -10.04
C LYS B 175 20.34 -24.68 -9.13
N VAL B 176 20.48 -23.46 -9.68
CA VAL B 176 20.46 -22.26 -8.85
C VAL B 176 19.52 -21.22 -9.47
N ARG B 177 18.67 -20.64 -8.66
CA ARG B 177 17.88 -19.50 -9.14
C ARG B 177 18.79 -18.31 -9.37
N THR B 178 18.55 -17.60 -10.48
CA THR B 178 19.18 -16.30 -10.69
C THR B 178 18.11 -15.25 -10.92
N THR B 179 18.55 -14.00 -10.79
CA THR B 179 17.84 -12.86 -11.35
C THR B 179 17.87 -12.94 -12.86
N ASP B 180 17.37 -11.85 -13.49
CA ASP B 180 17.37 -11.73 -14.96
C ASP B 180 18.74 -11.37 -15.55
N SER B 181 19.71 -10.98 -14.73
CA SER B 181 20.96 -10.44 -15.25
C SER B 181 21.73 -11.47 -16.08
N PRO B 182 22.11 -11.17 -17.33
CA PRO B 182 23.05 -12.00 -18.04
C PRO B 182 24.33 -12.32 -17.30
N ILE B 183 24.80 -11.38 -16.50
CA ILE B 183 26.04 -11.63 -15.76
CA ILE B 183 26.00 -11.57 -15.68
C ILE B 183 25.78 -12.66 -14.65
N GLU B 184 24.64 -12.61 -13.95
CA GLU B 184 24.37 -13.65 -12.96
C GLU B 184 24.33 -15.01 -13.60
N VAL B 185 23.74 -15.12 -14.78
CA VAL B 185 23.70 -16.37 -15.50
C VAL B 185 25.12 -16.83 -15.82
N ALA B 186 25.98 -15.93 -16.29
CA ALA B 186 27.35 -16.27 -16.65
C ALA B 186 28.18 -16.63 -15.42
N VAL B 187 27.96 -15.98 -14.28
CA VAL B 187 28.65 -16.29 -13.04
C VAL B 187 28.31 -17.71 -12.61
N ALA B 188 27.04 -18.08 -12.66
CA ALA B 188 26.60 -19.42 -12.30
C ALA B 188 27.33 -20.41 -13.21
N ALA B 189 27.35 -20.19 -14.51
CA ALA B 189 28.04 -21.08 -15.44
C ALA B 189 29.53 -21.14 -15.14
N ALA B 190 30.20 -20.05 -14.76
CA ALA B 190 31.62 -20.05 -14.49
C ALA B 190 31.91 -20.92 -13.25
N LEU B 191 30.92 -21.08 -12.38
CA LEU B 191 31.05 -21.82 -11.14
C LEU B 191 30.59 -23.27 -11.35
N GLY B 192 30.19 -23.61 -12.57
CA GLY B 192 29.73 -24.96 -12.88
C GLY B 192 28.29 -25.25 -12.45
N MET B 193 27.51 -24.19 -12.19
CA MET B 193 26.13 -24.33 -11.78
C MET B 193 25.20 -24.22 -12.97
N ALA B 194 23.97 -24.65 -12.82
CA ALA B 194 22.96 -24.55 -13.85
C ALA B 194 21.96 -23.48 -13.43
N PRO B 195 22.03 -22.26 -14.01
CA PRO B 195 21.14 -21.18 -13.59
C PRO B 195 19.78 -21.25 -14.23
N THR B 196 18.77 -20.85 -13.46
CA THR B 196 17.43 -20.62 -13.96
C THR B 196 16.96 -19.26 -13.44
N PRO B 197 16.73 -18.29 -14.34
CA PRO B 197 16.12 -17.04 -13.93
C PRO B 197 14.70 -17.30 -13.46
N ILE B 198 14.33 -16.80 -12.31
CA ILE B 198 12.99 -16.91 -11.76
C ILE B 198 12.66 -15.61 -11.10
N SER B 199 11.46 -15.06 -11.31
CA SER B 199 11.08 -13.83 -10.62
C SER B 199 11.14 -14.03 -9.12
N TRP B 200 11.37 -12.93 -8.42
CA TRP B 200 11.47 -12.99 -6.97
C TRP B 200 10.23 -13.62 -6.38
N GLY B 201 9.05 -13.13 -6.77
CA GLY B 201 7.80 -13.64 -6.22
C GLY B 201 7.56 -15.13 -6.45
N GLU B 202 8.24 -15.76 -7.39
CA GLU B 202 8.05 -17.18 -7.67
C GLU B 202 9.18 -18.04 -7.11
N THR B 203 10.18 -17.41 -6.45
CA THR B 203 11.37 -18.16 -6.08
C THR B 203 11.14 -19.11 -4.88
N TYR B 204 10.39 -18.70 -3.89
CA TYR B 204 10.14 -19.57 -2.74
C TYR B 204 9.50 -20.88 -3.19
N THR B 205 8.48 -20.79 -4.06
CA THR B 205 7.83 -22.00 -4.56
C THR B 205 8.83 -22.89 -5.28
N ALA B 206 9.69 -22.34 -6.12
CA ALA B 206 10.69 -23.11 -6.80
C ALA B 206 11.63 -23.85 -5.84
N LEU B 207 12.10 -23.18 -4.81
CA LEU B 207 12.93 -23.83 -3.79
C LEU B 207 12.16 -24.97 -3.11
N GLN B 208 10.94 -24.67 -2.66
CA GLN B 208 10.16 -25.64 -1.88
C GLN B 208 9.88 -26.86 -2.74
N GLN B 209 9.75 -26.70 -4.05
CA GLN B 209 9.44 -27.77 -4.98
C GLN B 209 10.69 -28.50 -5.47
N GLY B 210 11.88 -27.99 -5.13
CA GLY B 210 13.11 -28.59 -5.63
C GLY B 210 13.39 -28.32 -7.10
N THR B 211 12.69 -27.32 -7.67
CA THR B 211 12.96 -26.89 -9.04
C THR B 211 14.41 -26.40 -9.17
N VAL B 212 14.88 -25.76 -8.10
CA VAL B 212 16.29 -25.38 -7.95
C VAL B 212 16.73 -25.95 -6.60
N ASP B 213 18.04 -26.05 -6.47
CA ASP B 213 18.66 -26.53 -5.26
C ASP B 213 19.05 -25.40 -4.31
N GLY B 214 19.05 -24.14 -4.78
CA GLY B 214 19.48 -23.01 -3.99
C GLY B 214 19.37 -21.72 -4.79
N GLU B 215 20.00 -20.70 -4.25
CA GLU B 215 19.88 -19.34 -4.75
C GLU B 215 21.01 -18.53 -4.18
N GLY B 216 21.11 -17.25 -4.51
CA GLY B 216 22.07 -16.33 -3.95
C GLY B 216 21.39 -15.05 -3.56
N ASN B 217 21.51 -14.62 -2.33
CA ASN B 217 20.83 -13.41 -1.92
C ASN B 217 21.40 -12.93 -0.59
N THR B 218 20.96 -11.77 -0.12
CA THR B 218 21.38 -11.32 1.19
C THR B 218 20.73 -12.22 2.23
N PHE B 219 21.42 -12.44 3.36
CA PHE B 219 20.80 -13.20 4.44
C PHE B 219 19.55 -12.51 4.93
N SER B 220 19.55 -11.18 4.99
CA SER B 220 18.44 -10.40 5.46
C SER B 220 17.21 -10.59 4.58
N LEU B 221 17.33 -10.47 3.23
CA LEU B 221 16.14 -10.67 2.44
C LEU B 221 15.67 -12.12 2.56
N LEU B 222 16.60 -13.09 2.59
CA LEU B 222 16.19 -14.50 2.69
C LEU B 222 15.43 -14.73 3.99
N ASN B 223 15.83 -14.12 5.09
CA ASN B 223 15.10 -14.28 6.36
C ASN B 223 13.79 -13.49 6.36
N ASP B 224 13.79 -12.26 5.84
CA ASP B 224 12.61 -11.41 5.81
C ASP B 224 11.52 -12.02 4.96
N ALA B 225 11.88 -12.68 3.86
CA ALA B 225 10.97 -13.34 2.94
C ALA B 225 10.67 -14.78 3.34
N LYS B 226 11.24 -15.21 4.46
CA LYS B 226 10.93 -16.53 5.03
C LYS B 226 11.49 -17.68 4.21
N HIS B 227 12.49 -17.45 3.37
CA HIS B 227 13.17 -18.54 2.69
C HIS B 227 13.97 -19.39 3.70
N THR B 228 14.32 -18.82 4.85
CA THR B 228 15.06 -19.56 5.86
C THR B 228 14.29 -20.79 6.35
N GLU B 229 12.96 -20.86 6.21
CA GLU B 229 12.21 -22.06 6.58
C GLU B 229 12.67 -23.30 5.84
N VAL B 230 13.19 -23.18 4.64
CA VAL B 230 13.59 -24.34 3.89
C VAL B 230 15.09 -24.43 3.67
N LEU B 231 15.87 -23.41 4.00
CA LEU B 231 17.30 -23.47 3.77
C LEU B 231 18.01 -24.22 4.88
N LYS B 232 19.14 -24.80 4.50
CA LYS B 232 19.99 -25.54 5.44
C LYS B 232 21.45 -25.13 5.36
N TYR B 233 21.96 -24.59 4.24
CA TYR B 233 23.38 -24.30 4.12
C TYR B 233 23.57 -22.92 3.51
N ALA B 234 24.66 -22.28 3.86
CA ALA B 234 25.04 -20.98 3.30
C ALA B 234 26.55 -20.87 3.26
N ILE B 235 27.08 -20.11 2.30
CA ILE B 235 28.46 -19.65 2.33
C ILE B 235 28.46 -18.15 2.12
N ASP B 236 29.38 -17.42 2.72
CA ASP B 236 29.46 -15.95 2.62
C ASP B 236 30.19 -15.53 1.36
N SER B 237 29.74 -16.01 0.23
CA SER B 237 30.41 -15.80 -1.05
C SER B 237 30.54 -14.33 -1.43
N ALA B 238 29.49 -13.53 -1.25
CA ALA B 238 29.56 -12.10 -1.64
C ALA B 238 29.89 -11.96 -3.13
N HIS B 239 29.35 -12.83 -3.96
CA HIS B 239 29.70 -12.97 -5.37
C HIS B 239 28.94 -12.04 -6.30
N ASN B 240 27.99 -11.29 -5.74
CA ASN B 240 27.24 -10.28 -6.50
C ASN B 240 26.98 -9.16 -5.52
N TYR B 241 27.09 -7.90 -5.98
CA TYR B 241 26.69 -6.73 -5.24
C TYR B 241 25.44 -6.14 -5.88
N SER B 242 24.40 -5.93 -5.10
CA SER B 242 23.15 -5.33 -5.58
C SER B 242 22.82 -4.06 -4.83
N MET B 243 22.23 -3.15 -5.60
CA MET B 243 21.43 -2.06 -5.10
C MET B 243 19.97 -2.28 -5.40
N HIS B 244 19.10 -1.45 -4.85
CA HIS B 244 17.70 -1.43 -5.25
C HIS B 244 17.44 -0.03 -5.78
N LEU B 245 17.20 0.06 -7.08
CA LEU B 245 17.16 1.34 -7.79
C LEU B 245 15.74 1.86 -7.82
N LEU B 246 15.50 2.91 -7.03
CA LEU B 246 14.20 3.56 -6.97
C LEU B 246 14.14 4.65 -8.03
N MET B 247 13.27 4.44 -9.01
CA MET B 247 13.15 5.22 -10.21
C MET B 247 11.76 5.84 -10.31
N MET B 248 11.72 7.08 -10.79
CA MET B 248 10.46 7.72 -11.17
C MET B 248 10.39 7.86 -12.69
N ASN B 249 9.19 7.67 -13.24
CA ASN B 249 8.99 7.97 -14.64
C ASN B 249 9.56 9.36 -14.93
N LYS B 250 10.43 9.53 -15.94
CA LYS B 250 11.11 10.81 -16.12
CA LYS B 250 11.10 10.80 -16.17
C LYS B 250 10.12 11.90 -16.57
N ALA B 251 9.17 11.57 -17.43
CA ALA B 251 8.23 12.60 -17.90
C ALA B 251 7.37 13.04 -16.71
N TYR B 252 6.92 12.12 -15.85
CA TYR B 252 6.15 12.45 -14.68
C TYR B 252 6.98 13.37 -13.79
N TYR B 253 8.23 13.03 -13.50
CA TYR B 253 9.10 13.87 -12.70
C TYR B 253 9.15 15.26 -13.30
N ASP B 254 9.34 15.34 -14.61
CA ASP B 254 9.50 16.64 -15.28
C ASP B 254 8.19 17.41 -15.24
N SER B 255 7.04 16.78 -15.09
CA SER B 255 5.73 17.40 -15.06
C SER B 255 5.52 18.04 -13.69
N LEU B 256 6.24 17.62 -12.65
CA LEU B 256 5.96 18.07 -11.28
C LEU B 256 6.50 19.49 -11.11
N PRO B 257 5.90 20.30 -10.22
CA PRO B 257 6.50 21.57 -9.85
C PRO B 257 7.87 21.34 -9.20
N ALA B 258 8.80 22.29 -9.39
CA ALA B 258 10.16 22.15 -8.94
C ALA B 258 10.24 21.88 -7.43
N ASN B 259 9.37 22.46 -6.63
CA ASN B 259 9.42 22.24 -5.20
C ASN B 259 9.14 20.78 -4.87
N VAL B 260 8.21 20.16 -5.56
CA VAL B 260 7.87 18.76 -5.33
C VAL B 260 9.03 17.88 -5.83
N GLN B 261 9.63 18.23 -6.96
CA GLN B 261 10.82 17.52 -7.41
C GLN B 261 11.84 17.46 -6.29
N GLN B 262 12.09 18.62 -5.68
CA GLN B 262 13.14 18.74 -4.70
C GLN B 262 12.77 18.08 -3.38
N ILE B 263 11.50 18.10 -3.01
CA ILE B 263 11.02 17.31 -1.89
C ILE B 263 11.38 15.83 -2.09
N LEU B 264 11.17 15.34 -3.31
CA LEU B 264 11.43 13.92 -3.57
C LEU B 264 12.92 13.64 -3.53
N THR B 265 13.76 14.45 -4.18
CA THR B 265 15.18 14.12 -4.22
C THR B 265 15.80 14.31 -2.84
N GLU B 266 15.41 15.32 -2.06
CA GLU B 266 15.91 15.48 -0.70
C GLU B 266 15.45 14.34 0.19
N ALA B 267 14.17 14.00 0.15
CA ALA B 267 13.67 12.88 0.96
C ALA B 267 14.41 11.60 0.54
N GLY B 268 14.67 11.40 -0.73
CA GLY B 268 15.44 10.24 -1.16
C GLY B 268 16.84 10.23 -0.56
N ARG B 269 17.55 11.38 -0.57
CA ARG B 269 18.88 11.46 0.01
C ARG B 269 18.87 11.11 1.50
N GLU B 270 17.90 11.64 2.23
CA GLU B 270 17.85 11.44 3.66
C GLU B 270 17.42 10.01 3.99
N ALA B 271 16.46 9.47 3.24
CA ALA B 271 16.03 8.09 3.44
C ALA B 271 17.20 7.14 3.12
N LEU B 272 18.01 7.49 2.12
CA LEU B 272 19.15 6.69 1.73
C LEU B 272 20.15 6.64 2.87
N THR B 273 20.48 7.80 3.42
CA THR B 273 21.37 7.84 4.59
C THR B 273 20.85 6.91 5.70
N TYR B 274 19.57 7.00 5.96
CA TYR B 274 18.99 6.24 7.03
C TYR B 274 19.07 4.75 6.75
N GLN B 275 18.66 4.32 5.54
CA GLN B 275 18.59 2.89 5.29
C GLN B 275 19.99 2.29 5.13
N ARG B 276 20.95 3.03 4.59
CA ARG B 276 22.34 2.59 4.65
C ARG B 276 22.77 2.36 6.10
N SER B 277 22.43 3.26 6.97
CA SER B 277 22.91 3.25 8.35
C SER B 277 22.38 2.08 9.15
N ILE B 278 21.24 1.49 8.79
CA ILE B 278 20.68 0.37 9.54
C ILE B 278 21.01 -0.96 8.88
N THR B 279 21.66 -0.95 7.71
CA THR B 279 21.84 -2.15 6.93
C THR B 279 22.69 -3.17 7.71
N SER B 280 23.82 -2.75 8.29
CA SER B 280 24.73 -3.70 8.92
CA SER B 280 24.75 -3.68 8.93
C SER B 280 24.08 -4.37 10.13
N GLU B 281 23.36 -3.62 10.93
CA GLU B 281 22.67 -4.18 12.09
C GLU B 281 21.61 -5.20 11.67
N LEU B 282 20.88 -4.88 10.60
CA LEU B 282 19.86 -5.80 10.13
C LEU B 282 20.49 -7.04 9.52
N GLU B 283 21.66 -6.92 8.90
CA GLU B 283 22.33 -8.08 8.38
C GLU B 283 22.82 -8.98 9.52
N LYS B 284 23.29 -8.36 10.61
CA LYS B 284 23.77 -9.11 11.77
C LYS B 284 22.62 -9.91 12.36
N LYS B 285 21.48 -9.27 12.49
CA LYS B 285 20.28 -9.92 13.00
C LYS B 285 19.91 -11.08 12.10
N ALA B 286 20.06 -10.95 10.77
CA ALA B 286 19.76 -12.04 9.88
C ALA B 286 20.76 -13.19 10.00
N GLU B 287 22.06 -12.91 10.12
CA GLU B 287 23.08 -13.91 10.34
CA GLU B 287 23.03 -13.97 10.28
C GLU B 287 22.74 -14.74 11.58
N ASP B 288 22.37 -14.05 12.65
CA ASP B 288 22.04 -14.70 13.90
C ASP B 288 20.78 -15.55 13.72
N ALA B 289 19.80 -15.03 12.97
CA ALA B 289 18.58 -15.77 12.70
C ALA B 289 18.89 -17.04 11.92
N PHE B 290 19.85 -17.00 11.00
CA PHE B 290 20.22 -18.18 10.26
C PHE B 290 20.67 -19.28 11.22
N ILE B 291 21.52 -18.94 12.22
CA ILE B 291 22.07 -19.95 13.11
C ILE B 291 20.93 -20.50 13.98
N GLU B 292 20.00 -19.64 14.39
CA GLU B 292 18.86 -20.01 15.19
C GLU B 292 17.89 -20.91 14.43
N GLN B 293 17.80 -20.74 13.10
CA GLN B 293 16.94 -21.53 12.26
C GLN B 293 17.70 -22.72 11.67
N GLY B 294 18.81 -23.09 12.26
CA GLY B 294 19.45 -24.33 11.93
C GLY B 294 20.10 -24.36 10.54
N ILE B 295 20.62 -23.22 10.08
CA ILE B 295 21.35 -23.14 8.82
C ILE B 295 22.84 -23.14 9.14
N THR B 296 23.58 -23.99 8.47
CA THR B 296 25.03 -24.03 8.60
C THR B 296 25.59 -22.88 7.75
N VAL B 297 26.26 -21.91 8.36
CA VAL B 297 26.89 -20.82 7.65
C VAL B 297 28.40 -21.05 7.64
N THR B 298 28.99 -21.39 6.50
CA THR B 298 30.41 -21.57 6.37
C THR B 298 31.02 -20.26 5.90
N ARG B 299 31.86 -19.68 6.72
CA ARG B 299 32.64 -18.51 6.37
C ARG B 299 33.85 -18.94 5.59
N LEU B 300 34.05 -18.34 4.45
CA LEU B 300 35.09 -18.76 3.52
C LEU B 300 36.43 -18.21 4.00
N SER B 301 37.45 -19.06 3.89
CA SER B 301 38.80 -18.64 4.17
C SER B 301 39.23 -17.62 3.11
N PRO B 302 40.28 -16.83 3.36
CA PRO B 302 40.84 -15.97 2.32
C PRO B 302 41.25 -16.75 1.07
N GLU B 303 41.77 -17.97 1.20
CA GLU B 303 42.10 -18.79 0.05
C GLU B 303 40.87 -19.20 -0.75
N GLU B 304 39.81 -19.62 -0.09
CA GLU B 304 38.61 -20.01 -0.80
C GLU B 304 37.92 -18.81 -1.44
N ARG B 305 38.02 -17.65 -0.84
CA ARG B 305 37.48 -16.43 -1.44
C ARG B 305 38.29 -16.07 -2.68
N ALA B 306 39.63 -16.14 -2.60
CA ALA B 306 40.46 -15.87 -3.77
C ALA B 306 40.17 -16.85 -4.89
N LYS B 307 39.89 -18.11 -4.60
CA LYS B 307 39.47 -19.11 -5.55
C LYS B 307 38.22 -18.64 -6.28
N LEU B 308 37.22 -18.18 -5.52
CA LEU B 308 35.98 -17.69 -6.14
C LEU B 308 36.20 -16.45 -6.98
N VAL B 309 37.05 -15.54 -6.55
CA VAL B 309 37.34 -14.33 -7.32
C VAL B 309 37.95 -14.72 -8.65
N GLU B 310 38.95 -15.62 -8.64
CA GLU B 310 39.65 -15.98 -9.85
C GLU B 310 38.78 -16.83 -10.75
N ARG B 311 37.98 -17.74 -10.19
CA ARG B 311 37.12 -18.60 -10.97
C ARG B 311 36.08 -17.78 -11.75
N THR B 312 35.61 -16.67 -11.16
CA THR B 312 34.56 -15.85 -11.78
C THR B 312 35.14 -14.74 -12.63
N ARG B 313 36.42 -14.44 -12.50
CA ARG B 313 37.02 -13.34 -13.26
C ARG B 313 36.86 -13.45 -14.79
N PRO B 314 36.86 -14.64 -15.42
CA PRO B 314 36.65 -14.69 -16.86
C PRO B 314 35.32 -14.14 -17.32
N VAL B 315 34.34 -14.04 -16.45
CA VAL B 315 33.07 -13.41 -16.82
C VAL B 315 33.27 -11.97 -17.30
N TRP B 316 34.22 -11.27 -16.76
CA TRP B 316 34.38 -9.87 -17.08
C TRP B 316 34.73 -9.67 -18.57
N ASP B 317 35.37 -10.64 -19.19
CA ASP B 317 35.81 -10.54 -20.57
C ASP B 317 34.64 -10.72 -21.53
N LYS B 318 33.48 -11.15 -21.08
CA LYS B 318 32.45 -11.64 -21.96
C LYS B 318 31.36 -10.61 -22.28
N PHE B 319 31.42 -9.41 -21.69
CA PHE B 319 30.37 -8.40 -21.86
C PHE B 319 30.90 -7.05 -22.36
N LYS B 320 31.89 -7.07 -23.25
CA LYS B 320 32.52 -5.82 -23.67
CA LYS B 320 32.55 -5.87 -23.74
C LYS B 320 31.62 -5.01 -24.60
N ASP B 321 30.70 -5.64 -25.32
CA ASP B 321 29.78 -4.85 -26.13
C ASP B 321 28.96 -3.94 -25.23
N ASP B 322 28.63 -4.45 -24.02
CA ASP B 322 27.60 -3.96 -23.15
C ASP B 322 28.03 -2.98 -22.07
N ILE B 323 29.18 -3.24 -21.49
CA ILE B 323 29.59 -2.51 -20.32
C ILE B 323 30.76 -1.64 -20.71
N PRO B 324 30.61 -0.30 -20.77
CA PRO B 324 31.73 0.52 -21.17
C PRO B 324 32.93 0.33 -20.24
N ALA B 325 34.13 0.30 -20.80
CA ALA B 325 35.34 0.19 -19.98
C ALA B 325 35.43 1.35 -19.00
N GLU B 326 35.01 2.55 -19.37
CA GLU B 326 35.06 3.70 -18.49
C GLU B 326 34.14 3.50 -17.28
N LEU B 327 33.01 2.81 -17.46
CA LEU B 327 32.10 2.57 -16.34
C LEU B 327 32.74 1.57 -15.36
N ILE B 328 33.36 0.51 -15.86
CA ILE B 328 34.13 -0.38 -15.01
C ILE B 328 35.17 0.43 -14.24
N LYS B 329 35.90 1.31 -14.89
CA LYS B 329 36.93 2.11 -14.27
CA LYS B 329 36.94 2.09 -14.24
C LYS B 329 36.33 2.97 -13.17
N LEU B 330 35.19 3.59 -13.40
CA LEU B 330 34.57 4.44 -12.41
C LEU B 330 34.26 3.64 -11.13
N VAL B 331 33.81 2.38 -11.28
CA VAL B 331 33.57 1.55 -10.10
C VAL B 331 34.89 1.11 -9.48
N GLN B 332 35.86 0.67 -10.27
CA GLN B 332 37.10 0.20 -9.69
C GLN B 332 37.88 1.30 -9.00
N GLU B 333 37.75 2.55 -9.36
CA GLU B 333 38.43 3.64 -8.72
C GLU B 333 38.03 3.73 -7.26
N THR B 334 36.84 3.20 -6.86
CA THR B 334 36.36 3.25 -5.48
C THR B 334 36.91 2.12 -4.64
N GLN B 335 37.65 1.19 -5.24
CA GLN B 335 38.08 -0.03 -4.57
C GLN B 335 39.59 -0.13 -4.38
N GLN B 336 40.29 1.00 -4.47
N GLN B 336 40.28 1.02 -4.48
CA GLN B 336 41.74 1.01 -4.34
CA GLN B 336 41.73 1.10 -4.32
C GLN B 336 42.19 0.85 -2.87
C GLN B 336 42.13 1.73 -2.97
#